data_7QQM
#
_entry.id   7QQM
#
_cell.length_a   59.780
_cell.length_b   70.080
_cell.length_c   102.440
_cell.angle_alpha   90.000
_cell.angle_beta   90.000
_cell.angle_gamma   90.000
#
_symmetry.space_group_name_H-M   'P 21 21 21'
#
loop_
_entity.id
_entity.type
_entity.pdbx_description
1 polymer 'Leucine-rich repeat-containing protein 7,Annexin A2'
2 non-polymer 'CALCIUM ION'
3 non-polymer GLYCEROL
4 water water
#
_entity_poly.entity_id   1
_entity_poly.type   'polypeptide(L)'
_entity_poly.pdbx_seq_one_letter_code
;HMGEQFCVRIEKNPGLGFSISGGISGQGNPFKPSDKGIFVTRVQPDGPASNLLQPGDKILQANGHSFVHMEHEKAVLLLK
SFQNTVDLVIQRELTGSAYGSVKAYTNFDAERDALNIETAIKTKGVDEVTIVNILTNRSNEQRQDIAFAYQRRTKKELAS
ALKSALSGHLETVILGLLKTPAQYDASELKASMKGLGTDEDSLIEIICSRTNQELQEINRVYKEMYKTDLEKDIISDTSG
DFRKLMVALAKGRRAEDGSVIDYELIDQDARDLYDAGVKRKGTDVPKWISIMTERSVPHLQKVFDRYKSYSPYDMLESIR
KEVKGDLENAFLNLVQCIQNKPLYFADRLYDSMKGKGTRDKVLIRIMVSRSEVDMLKIRSEFKRKYGKSLYYYIQQDTKG
DYQKALLYLCGGDD
;
_entity_poly.pdbx_strand_id   A
#
loop_
_chem_comp.id
_chem_comp.type
_chem_comp.name
_chem_comp.formula
CA non-polymer 'CALCIUM ION' 'Ca 2'
GOL non-polymer GLYCEROL 'C3 H8 O3'
#
# COMPACT_ATOMS: atom_id res chain seq x y z
N MET A 2 -17.38 -30.21 -7.75
CA MET A 2 -16.28 -30.29 -6.80
C MET A 2 -15.11 -29.44 -7.25
N GLY A 3 -14.49 -28.76 -6.30
CA GLY A 3 -13.27 -28.02 -6.59
C GLY A 3 -12.14 -28.94 -6.99
N GLU A 4 -11.12 -28.36 -7.61
CA GLU A 4 -9.96 -29.11 -8.09
C GLU A 4 -8.77 -28.84 -7.19
N GLN A 5 -7.97 -29.89 -6.97
CA GLN A 5 -6.76 -29.78 -6.17
C GLN A 5 -5.55 -29.77 -7.10
N PHE A 6 -4.65 -28.83 -6.88
CA PHE A 6 -3.45 -28.66 -7.70
C PHE A 6 -2.21 -28.73 -6.84
N CYS A 7 -1.12 -29.21 -7.45
CA CYS A 7 0.21 -29.17 -6.84
C CYS A 7 1.01 -28.04 -7.48
N VAL A 8 1.55 -27.15 -6.65
N VAL A 8 1.61 -27.19 -6.63
CA VAL A 8 2.36 -26.05 -7.15
CA VAL A 8 2.31 -25.99 -7.06
C VAL A 8 3.66 -26.01 -6.36
C VAL A 8 3.64 -25.90 -6.32
N ARG A 9 4.72 -25.59 -7.05
CA ARG A 9 6.05 -25.45 -6.46
C ARG A 9 6.50 -24.01 -6.65
N ILE A 10 6.86 -23.35 -5.55
CA ILE A 10 7.26 -21.95 -5.54
C ILE A 10 8.73 -21.87 -5.13
N GLU A 11 9.54 -21.20 -5.94
CA GLU A 11 10.94 -20.94 -5.62
C GLU A 11 11.06 -19.54 -5.02
N LYS A 12 11.50 -19.46 -3.77
CA LYS A 12 11.59 -18.17 -3.09
C LYS A 12 12.62 -17.27 -3.76
N ASN A 13 12.31 -15.97 -3.82
CA ASN A 13 13.18 -15.05 -4.54
C ASN A 13 12.91 -13.59 -4.17
N PRO A 14 13.14 -13.17 -2.91
CA PRO A 14 13.63 -13.95 -1.76
C PRO A 14 12.51 -14.59 -0.95
N GLY A 15 11.28 -14.12 -1.15
CA GLY A 15 10.12 -14.69 -0.52
C GLY A 15 9.23 -15.44 -1.51
N LEU A 16 8.01 -15.75 -1.05
CA LEU A 16 7.08 -16.54 -1.83
C LEU A 16 6.20 -15.72 -2.76
N GLY A 17 6.15 -14.40 -2.58
CA GLY A 17 5.36 -13.56 -3.47
C GLY A 17 3.86 -13.71 -3.32
N PHE A 18 3.38 -14.09 -2.14
CA PHE A 18 1.95 -14.05 -1.89
C PHE A 18 1.69 -13.82 -0.40
N SER A 19 0.48 -13.38 -0.10
N SER A 19 0.47 -13.38 -0.11
CA SER A 19 0.01 -13.16 1.25
CA SER A 19 0.01 -13.15 1.25
C SER A 19 -1.10 -14.13 1.59
C SER A 19 -1.11 -14.11 1.58
N ILE A 20 -1.41 -14.24 2.87
CA ILE A 20 -2.42 -15.19 3.34
C ILE A 20 -3.34 -14.53 4.36
N SER A 21 -4.56 -15.08 4.44
N SER A 21 -4.57 -15.06 4.42
CA SER A 21 -5.50 -14.75 5.51
CA SER A 21 -5.53 -14.74 5.47
C SER A 21 -6.24 -16.03 5.88
C SER A 21 -6.23 -16.03 5.88
N GLY A 22 -6.94 -15.96 7.00
CA GLY A 22 -7.72 -17.09 7.47
C GLY A 22 -7.18 -17.67 8.75
N GLY A 23 -7.63 -18.88 9.05
CA GLY A 23 -7.18 -19.58 10.24
C GLY A 23 -8.30 -20.04 11.14
N ILE A 24 -8.03 -21.03 11.98
N ILE A 24 -8.03 -21.02 12.01
CA ILE A 24 -9.06 -21.67 12.79
CA ILE A 24 -9.06 -21.56 12.89
C ILE A 24 -9.60 -20.78 13.90
C ILE A 24 -9.69 -20.46 13.72
N SER A 25 -8.93 -19.68 14.21
N SER A 25 -8.86 -19.64 14.38
CA SER A 25 -9.40 -18.79 15.26
CA SER A 25 -9.38 -18.63 15.35
C SER A 25 -10.45 -17.78 14.79
C SER A 25 -10.48 -17.71 14.81
N GLY A 26 -10.79 -17.78 13.51
CA GLY A 26 -11.89 -17.00 12.99
C GLY A 26 -11.53 -15.66 12.38
N GLN A 27 -10.29 -15.47 11.94
CA GLN A 27 -9.94 -14.25 11.20
C GLN A 27 -10.87 -14.04 10.02
N GLY A 28 -11.31 -15.13 9.38
CA GLY A 28 -11.97 -14.99 8.11
C GLY A 28 -10.98 -14.61 7.02
N ASN A 29 -11.54 -14.25 5.88
CA ASN A 29 -10.76 -13.92 4.69
C ASN A 29 -11.69 -13.20 3.72
N PRO A 30 -11.15 -12.54 2.70
CA PRO A 30 -12.00 -11.77 1.79
C PRO A 30 -12.76 -12.59 0.76
N PHE A 31 -12.68 -13.92 0.80
CA PHE A 31 -13.32 -14.75 -0.22
C PHE A 31 -14.46 -15.58 0.34
N LYS A 32 -14.17 -16.45 1.30
N LYS A 32 -14.17 -16.50 1.27
CA LYS A 32 -15.17 -17.30 1.95
CA LYS A 32 -15.18 -17.30 1.95
C LYS A 32 -14.96 -17.14 3.45
C LYS A 32 -14.94 -17.12 3.45
N PRO A 33 -15.46 -16.05 4.04
CA PRO A 33 -15.12 -15.76 5.44
C PRO A 33 -15.55 -16.82 6.43
N SER A 34 -16.62 -17.56 6.17
CA SER A 34 -17.04 -18.61 7.09
C SER A 34 -16.16 -19.86 6.98
N ASP A 35 -15.38 -20.00 5.92
CA ASP A 35 -14.40 -21.07 5.82
C ASP A 35 -13.19 -20.72 6.67
N LYS A 36 -12.80 -21.62 7.56
CA LYS A 36 -11.70 -21.35 8.49
C LYS A 36 -10.33 -21.65 7.89
N GLY A 37 -10.23 -21.98 6.61
CA GLY A 37 -8.97 -22.36 6.02
C GLY A 37 -8.01 -21.20 5.80
N ILE A 38 -6.82 -21.56 5.34
CA ILE A 38 -5.77 -20.60 5.00
C ILE A 38 -5.90 -20.28 3.52
N PHE A 39 -6.09 -18.99 3.19
CA PHE A 39 -6.36 -18.57 1.83
C PHE A 39 -5.28 -17.64 1.31
N VAL A 40 -4.88 -17.86 0.06
CA VAL A 40 -4.05 -16.89 -0.65
C VAL A 40 -4.88 -15.65 -0.93
N THR A 41 -4.36 -14.48 -0.54
CA THR A 41 -5.12 -13.24 -0.71
C THR A 41 -4.59 -12.35 -1.83
N ARG A 42 -3.29 -12.10 -1.85
CA ARG A 42 -2.67 -11.30 -2.90
C ARG A 42 -1.51 -12.10 -3.49
N VAL A 43 -1.30 -11.92 -4.78
CA VAL A 43 -0.20 -12.57 -5.51
C VAL A 43 0.58 -11.49 -6.24
N GLN A 44 1.89 -11.44 -6.01
CA GLN A 44 2.73 -10.46 -6.67
C GLN A 44 2.78 -10.73 -8.17
N PRO A 45 2.38 -9.79 -9.02
N PRO A 45 2.39 -9.78 -9.02
CA PRO A 45 2.68 -9.93 -10.44
CA PRO A 45 2.13 -10.12 -10.43
C PRO A 45 4.19 -9.96 -10.64
C PRO A 45 3.35 -10.57 -11.23
N ASP A 46 4.61 -10.67 -11.69
N ASP A 46 4.54 -10.09 -10.90
CA ASP A 46 6.01 -11.01 -11.94
CA ASP A 46 5.77 -10.52 -11.56
C ASP A 46 6.76 -11.39 -10.67
C ASP A 46 6.68 -11.23 -10.57
N GLY A 47 6.11 -12.11 -9.76
CA GLY A 47 6.77 -12.67 -8.61
C GLY A 47 6.85 -14.19 -8.68
N PRO A 48 7.38 -14.79 -7.61
CA PRO A 48 7.59 -16.25 -7.61
C PRO A 48 6.32 -17.07 -7.80
N ALA A 49 5.16 -16.54 -7.42
CA ALA A 49 3.92 -17.28 -7.49
C ALA A 49 3.05 -16.84 -8.66
N SER A 50 3.53 -15.94 -9.51
N SER A 50 3.53 -15.94 -9.51
CA SER A 50 2.76 -15.49 -10.66
CA SER A 50 2.75 -15.48 -10.64
C SER A 50 2.45 -16.65 -11.59
C SER A 50 2.46 -16.63 -11.60
N ASN A 51 1.20 -16.71 -12.05
CA ASN A 51 0.71 -17.76 -12.94
C ASN A 51 0.80 -19.15 -12.32
N LEU A 52 0.92 -19.22 -11.00
CA LEU A 52 0.88 -20.47 -10.26
C LEU A 52 -0.19 -20.45 -9.18
N LEU A 53 -0.26 -19.39 -8.40
CA LEU A 53 -1.29 -19.17 -7.41
C LEU A 53 -2.19 -18.01 -7.84
N GLN A 54 -3.42 -18.05 -7.38
N GLN A 54 -3.41 -18.02 -7.35
CA GLN A 54 -4.41 -17.01 -7.65
CA GLN A 54 -4.37 -16.98 -7.66
C GLN A 54 -5.08 -16.63 -6.34
C GLN A 54 -5.16 -16.65 -6.40
N PRO A 55 -5.53 -15.38 -6.21
CA PRO A 55 -6.27 -14.99 -5.01
C PRO A 55 -7.50 -15.86 -4.81
N GLY A 56 -7.73 -16.27 -3.57
CA GLY A 56 -8.81 -17.17 -3.24
C GLY A 56 -8.42 -18.63 -3.18
N ASP A 57 -7.21 -18.98 -3.63
CA ASP A 57 -6.71 -20.34 -3.48
C ASP A 57 -6.64 -20.72 -2.01
N LYS A 58 -7.04 -21.96 -1.70
CA LYS A 58 -6.99 -22.47 -0.35
C LYS A 58 -5.81 -23.43 -0.23
N ILE A 59 -4.94 -23.19 0.76
CA ILE A 59 -3.77 -24.02 0.98
C ILE A 59 -4.18 -25.21 1.84
N LEU A 60 -4.07 -26.41 1.27
CA LEU A 60 -4.35 -27.63 2.02
C LEU A 60 -3.10 -28.22 2.67
N GLN A 61 -1.94 -28.02 2.05
CA GLN A 61 -0.71 -28.64 2.51
C GLN A 61 0.47 -27.83 2.00
N ALA A 62 1.53 -27.77 2.80
CA ALA A 62 2.76 -27.07 2.43
C ALA A 62 3.94 -27.81 3.00
N ASN A 63 4.85 -28.24 2.12
CA ASN A 63 6.04 -29.03 2.49
C ASN A 63 5.71 -30.13 3.49
N GLY A 64 4.66 -30.90 3.17
CA GLY A 64 4.28 -32.03 3.98
C GLY A 64 3.53 -31.72 5.25
N HIS A 65 3.26 -30.45 5.53
CA HIS A 65 2.45 -30.05 6.68
C HIS A 65 1.02 -29.79 6.23
N SER A 66 0.06 -30.46 6.89
CA SER A 66 -1.33 -30.15 6.63
C SER A 66 -1.67 -28.75 7.12
N PHE A 67 -2.32 -27.96 6.28
CA PHE A 67 -2.79 -26.63 6.63
C PHE A 67 -4.29 -26.61 6.93
N VAL A 68 -4.91 -27.78 6.99
CA VAL A 68 -6.29 -27.87 7.46
C VAL A 68 -6.27 -27.79 8.98
N HIS A 69 -7.14 -26.95 9.54
CA HIS A 69 -7.23 -26.75 10.98
C HIS A 69 -5.94 -26.14 11.54
N MET A 70 -5.45 -25.08 10.87
CA MET A 70 -4.23 -24.42 11.28
C MET A 70 -4.53 -22.98 11.71
N GLU A 71 -3.82 -22.54 12.75
CA GLU A 71 -3.84 -21.15 13.18
C GLU A 71 -3.13 -20.25 12.15
N HIS A 72 -3.64 -19.04 11.99
CA HIS A 72 -3.05 -18.09 11.05
C HIS A 72 -1.57 -17.88 11.34
N GLU A 73 -1.22 -17.61 12.61
CA GLU A 73 0.16 -17.30 12.92
C GLU A 73 1.09 -18.48 12.68
N LYS A 74 0.59 -19.72 12.85
CA LYS A 74 1.44 -20.87 12.54
C LYS A 74 1.64 -21.02 11.04
N ALA A 75 0.61 -20.70 10.25
CA ALA A 75 0.78 -20.72 8.80
C ALA A 75 1.80 -19.68 8.35
N VAL A 76 1.74 -18.48 8.93
CA VAL A 76 2.74 -17.45 8.64
C VAL A 76 4.14 -17.96 8.95
N LEU A 77 4.31 -18.55 10.14
CA LEU A 77 5.60 -19.05 10.57
C LEU A 77 6.13 -20.14 9.64
N LEU A 78 5.29 -21.12 9.32
CA LEU A 78 5.74 -22.27 8.55
C LEU A 78 6.18 -21.86 7.15
N LEU A 79 5.33 -21.08 6.46
CA LEU A 79 5.64 -20.70 5.09
C LEU A 79 6.92 -19.89 5.00
N LYS A 80 7.15 -18.99 5.97
CA LYS A 80 8.38 -18.22 5.99
C LYS A 80 9.59 -19.10 6.35
N SER A 81 9.39 -20.08 7.22
CA SER A 81 10.51 -20.87 7.72
C SER A 81 10.98 -21.93 6.72
N PHE A 82 10.11 -22.38 5.82
CA PHE A 82 10.53 -23.33 4.80
C PHE A 82 11.63 -22.73 3.93
N GLN A 83 12.67 -23.51 3.69
CA GLN A 83 13.86 -23.00 3.02
C GLN A 83 13.77 -23.19 1.51
N ASN A 84 13.97 -22.09 0.78
CA ASN A 84 14.26 -22.08 -0.66
C ASN A 84 13.08 -22.44 -1.55
N THR A 85 12.44 -23.58 -1.29
CA THR A 85 11.42 -24.11 -2.20
C THR A 85 10.26 -24.64 -1.39
N VAL A 86 9.03 -24.28 -1.79
CA VAL A 86 7.84 -24.72 -1.07
C VAL A 86 6.91 -25.42 -2.05
N ASP A 87 6.54 -26.67 -1.72
N ASP A 87 6.55 -26.67 -1.73
CA ASP A 87 5.57 -27.44 -2.48
CA ASP A 87 5.52 -27.40 -2.44
C ASP A 87 4.22 -27.32 -1.80
C ASP A 87 4.20 -27.20 -1.73
N LEU A 88 3.23 -26.79 -2.51
N LEU A 88 3.20 -26.81 -2.53
CA LEU A 88 1.89 -26.59 -1.98
CA LEU A 88 1.85 -26.51 -1.98
C LEU A 88 0.91 -27.56 -2.61
C LEU A 88 0.80 -27.38 -2.64
N VAL A 89 -0.14 -27.88 -1.86
CA VAL A 89 -1.34 -28.51 -2.39
C VAL A 89 -2.44 -27.48 -2.25
N ILE A 90 -3.05 -27.11 -3.38
CA ILE A 90 -3.97 -25.98 -3.47
C ILE A 90 -5.35 -26.50 -3.84
N GLN A 91 -6.39 -25.88 -3.26
CA GLN A 91 -7.76 -26.14 -3.65
C GLN A 91 -8.32 -24.88 -4.30
N ARG A 92 -8.79 -25.00 -5.54
CA ARG A 92 -9.25 -23.85 -6.31
C ARG A 92 -10.62 -24.15 -6.89
N GLU A 93 -11.54 -23.20 -6.75
CA GLU A 93 -12.88 -23.36 -7.30
C GLU A 93 -12.85 -23.23 -8.81
N LEU A 94 -13.71 -24.01 -9.47
CA LEU A 94 -13.82 -23.96 -10.92
C LEU A 94 -14.56 -22.69 -11.35
N THR A 95 -13.91 -21.89 -12.19
CA THR A 95 -14.48 -20.62 -12.65
C THR A 95 -14.45 -20.57 -14.17
N GLY A 96 -15.32 -19.73 -14.73
CA GLY A 96 -15.35 -19.50 -16.15
C GLY A 96 -14.85 -18.12 -16.54
N SER A 97 -15.50 -17.49 -17.51
CA SER A 97 -15.04 -16.19 -17.98
C SER A 97 -15.19 -15.11 -16.92
N ALA A 98 -16.12 -15.26 -15.99
CA ALA A 98 -16.31 -14.30 -14.92
C ALA A 98 -15.25 -14.53 -13.86
N TYR A 99 -14.15 -13.78 -13.93
CA TYR A 99 -13.04 -13.93 -13.01
C TYR A 99 -13.24 -12.98 -11.83
N GLY A 100 -13.61 -13.54 -10.69
CA GLY A 100 -13.98 -12.77 -9.52
C GLY A 100 -15.08 -13.47 -8.76
N SER A 101 -15.50 -14.62 -9.29
CA SER A 101 -16.52 -15.43 -8.64
C SER A 101 -15.98 -16.21 -7.46
N VAL A 102 -14.67 -16.37 -7.35
CA VAL A 102 -14.07 -16.98 -6.17
C VAL A 102 -14.27 -16.11 -4.94
N LYS A 103 -14.56 -14.82 -5.13
CA LYS A 103 -14.90 -13.92 -4.03
C LYS A 103 -16.41 -14.02 -3.81
N ALA A 104 -16.81 -14.93 -2.92
CA ALA A 104 -18.21 -15.20 -2.65
C ALA A 104 -18.73 -14.43 -1.45
N TYR A 105 -18.16 -13.27 -1.15
CA TYR A 105 -18.58 -12.48 0.00
C TYR A 105 -19.98 -11.92 -0.25
N THR A 106 -20.92 -12.25 0.63
CA THR A 106 -22.32 -11.91 0.45
C THR A 106 -22.72 -10.78 1.39
N ASN A 107 -23.96 -10.31 1.21
CA ASN A 107 -24.50 -9.32 2.13
C ASN A 107 -24.65 -9.89 3.54
N PHE A 108 -24.98 -11.18 3.67
CA PHE A 108 -25.06 -11.75 5.00
C PHE A 108 -23.69 -11.86 5.66
N ASP A 109 -22.63 -12.11 4.87
CA ASP A 109 -21.28 -12.06 5.41
C ASP A 109 -21.02 -10.70 6.05
N ALA A 110 -21.46 -9.62 5.41
CA ALA A 110 -21.30 -8.29 5.99
C ALA A 110 -22.08 -8.15 7.28
N GLU A 111 -23.31 -8.67 7.31
N GLU A 111 -23.30 -8.70 7.33
CA GLU A 111 -24.12 -8.63 8.52
CA GLU A 111 -24.12 -8.60 8.52
C GLU A 111 -23.47 -9.39 9.66
C GLU A 111 -23.52 -9.41 9.67
N ARG A 112 -22.99 -10.61 9.38
CA ARG A 112 -22.36 -11.40 10.43
C ARG A 112 -21.06 -10.76 10.91
N ASP A 113 -20.27 -10.21 9.98
CA ASP A 113 -19.07 -9.48 10.38
C ASP A 113 -19.42 -8.30 11.28
N ALA A 114 -20.46 -7.54 10.92
CA ALA A 114 -20.86 -6.40 11.73
C ALA A 114 -21.33 -6.84 13.11
N LEU A 115 -22.08 -7.93 13.17
CA LEU A 115 -22.54 -8.46 14.46
C LEU A 115 -21.36 -8.91 15.32
N ASN A 116 -20.39 -9.60 14.72
CA ASN A 116 -19.24 -10.05 15.49
C ASN A 116 -18.39 -8.87 15.96
N ILE A 117 -18.30 -7.81 15.17
CA ILE A 117 -17.59 -6.61 15.60
C ILE A 117 -18.35 -5.93 16.74
N GLU A 118 -19.68 -5.85 16.63
CA GLU A 118 -20.46 -5.27 17.71
C GLU A 118 -20.27 -6.04 19.01
N THR A 119 -20.30 -7.38 18.95
CA THR A 119 -20.07 -8.20 20.13
C THR A 119 -18.68 -7.92 20.72
N ALA A 120 -17.67 -7.78 19.87
CA ALA A 120 -16.32 -7.50 20.35
C ALA A 120 -16.24 -6.10 20.96
N ILE A 121 -16.90 -5.13 20.37
CA ILE A 121 -16.87 -3.76 20.89
C ILE A 121 -17.48 -3.71 22.28
N LYS A 122 -18.58 -4.42 22.49
CA LYS A 122 -19.37 -4.29 23.70
C LYS A 122 -19.07 -5.34 24.75
N THR A 123 -18.19 -6.29 24.48
CA THR A 123 -17.84 -7.28 25.49
C THR A 123 -16.88 -6.65 26.52
N LYS A 124 -16.82 -7.28 27.70
CA LYS A 124 -16.05 -6.73 28.80
C LYS A 124 -14.58 -6.56 28.42
N GLY A 125 -14.06 -5.35 28.61
CA GLY A 125 -12.67 -5.05 28.31
C GLY A 125 -12.38 -4.73 26.86
N VAL A 126 -13.36 -4.89 25.96
CA VAL A 126 -13.21 -4.73 24.51
C VAL A 126 -12.32 -5.84 23.95
N ASP A 127 -12.86 -6.60 23.00
CA ASP A 127 -12.12 -7.69 22.35
C ASP A 127 -11.41 -7.13 21.13
N GLU A 128 -10.26 -6.50 21.37
CA GLU A 128 -9.49 -5.91 20.28
C GLU A 128 -8.98 -6.96 19.30
N VAL A 129 -8.65 -8.15 19.80
CA VAL A 129 -8.14 -9.20 18.92
C VAL A 129 -9.15 -9.51 17.81
N THR A 130 -10.43 -9.69 18.18
CA THR A 130 -11.45 -9.99 17.19
C THR A 130 -11.65 -8.83 16.22
N ILE A 131 -11.66 -7.59 16.74
CA ILE A 131 -11.83 -6.43 15.87
C ILE A 131 -10.72 -6.37 14.84
N VAL A 132 -9.48 -6.57 15.29
CA VAL A 132 -8.33 -6.54 14.38
C VAL A 132 -8.39 -7.73 13.41
N ASN A 133 -8.69 -8.92 13.93
CA ASN A 133 -8.72 -10.12 13.09
C ASN A 133 -9.68 -9.96 11.92
N ILE A 134 -10.88 -9.43 12.18
CA ILE A 134 -11.88 -9.30 11.13
C ILE A 134 -11.48 -8.21 10.13
N LEU A 135 -11.26 -7.00 10.63
CA LEU A 135 -11.14 -5.86 9.73
C LEU A 135 -9.87 -5.91 8.87
N THR A 136 -8.77 -6.45 9.39
CA THR A 136 -7.56 -6.53 8.58
C THR A 136 -7.54 -7.74 7.66
N ASN A 137 -8.55 -8.61 7.74
CA ASN A 137 -8.64 -9.76 6.85
C ASN A 137 -9.88 -9.68 5.97
N ARG A 138 -10.34 -8.46 5.72
CA ARG A 138 -11.35 -8.14 4.72
C ARG A 138 -10.80 -7.08 3.80
N SER A 139 -11.36 -7.01 2.59
CA SER A 139 -10.96 -5.96 1.66
C SER A 139 -11.57 -4.63 2.09
N ASN A 140 -11.00 -3.55 1.56
CA ASN A 140 -11.55 -2.23 1.84
C ASN A 140 -13.02 -2.15 1.44
N GLU A 141 -13.36 -2.70 0.27
N GLU A 141 -13.37 -2.68 0.27
CA GLU A 141 -14.76 -2.70 -0.17
CA GLU A 141 -14.77 -2.71 -0.16
C GLU A 141 -15.66 -3.42 0.84
C GLU A 141 -15.63 -3.39 0.89
N GLN A 142 -15.17 -4.54 1.40
CA GLN A 142 -15.96 -5.26 2.39
C GLN A 142 -16.12 -4.46 3.68
N ARG A 143 -15.09 -3.70 4.07
CA ARG A 143 -15.23 -2.85 5.25
C ARG A 143 -16.30 -1.80 5.07
N GLN A 144 -16.48 -1.30 3.84
CA GLN A 144 -17.60 -0.39 3.59
C GLN A 144 -18.93 -1.10 3.80
N ASP A 145 -19.06 -2.33 3.27
CA ASP A 145 -20.26 -3.11 3.48
C ASP A 145 -20.51 -3.37 4.96
N ILE A 146 -19.45 -3.68 5.70
CA ILE A 146 -19.59 -3.96 7.13
C ILE A 146 -20.06 -2.72 7.87
N ALA A 147 -19.51 -1.56 7.54
CA ALA A 147 -19.90 -0.33 8.22
C ALA A 147 -21.36 0.01 7.93
N PHE A 148 -21.82 -0.21 6.70
CA PHE A 148 -23.22 0.01 6.39
C PHE A 148 -24.12 -0.93 7.18
N ALA A 149 -23.75 -2.21 7.25
CA ALA A 149 -24.55 -3.17 8.00
C ALA A 149 -24.53 -2.86 9.49
N TYR A 150 -23.40 -2.39 10.00
CA TYR A 150 -23.31 -2.04 11.42
C TYR A 150 -24.27 -0.93 11.78
N GLN A 151 -24.30 0.13 10.96
CA GLN A 151 -25.19 1.26 11.23
C GLN A 151 -26.65 0.84 11.10
N ARG A 152 -26.96 -0.05 10.15
CA ARG A 152 -28.33 -0.52 10.00
C ARG A 152 -28.80 -1.28 11.23
N ARG A 153 -27.89 -2.03 11.86
CA ARG A 153 -28.26 -2.83 13.03
C ARG A 153 -28.32 -2.00 14.30
N THR A 154 -27.34 -1.12 14.51
CA THR A 154 -27.21 -0.39 15.77
C THR A 154 -27.72 1.05 15.70
N LYS A 155 -28.01 1.57 14.51
CA LYS A 155 -28.34 2.98 14.31
C LYS A 155 -27.21 3.90 14.77
N LYS A 156 -25.99 3.38 14.74
CA LYS A 156 -24.80 4.10 15.16
C LYS A 156 -23.68 3.82 14.16
N GLU A 157 -22.85 4.83 13.91
CA GLU A 157 -21.76 4.68 12.95
C GLU A 157 -20.65 3.80 13.52
N LEU A 158 -20.17 2.85 12.71
CA LEU A 158 -19.10 1.96 13.15
C LEU A 158 -17.85 2.73 13.53
N ALA A 159 -17.50 3.76 12.76
CA ALA A 159 -16.30 4.55 13.08
C ALA A 159 -16.42 5.21 14.44
N SER A 160 -17.62 5.68 14.79
N SER A 160 -17.62 5.67 14.79
CA SER A 160 -17.81 6.31 16.09
CA SER A 160 -17.82 6.31 16.09
C SER A 160 -17.72 5.29 17.23
C SER A 160 -17.72 5.30 17.22
N ALA A 161 -18.23 4.08 17.01
CA ALA A 161 -18.17 3.06 18.06
C ALA A 161 -16.74 2.61 18.30
N LEU A 162 -15.95 2.48 17.24
CA LEU A 162 -14.56 2.07 17.39
C LEU A 162 -13.69 3.19 17.96
N LYS A 163 -14.03 4.45 17.68
CA LYS A 163 -13.29 5.55 18.29
C LYS A 163 -13.43 5.54 19.81
N SER A 164 -14.61 5.15 20.31
N SER A 164 -14.61 5.14 20.31
CA SER A 164 -14.80 5.07 21.76
CA SER A 164 -14.80 5.08 21.75
C SER A 164 -14.15 3.82 22.33
C SER A 164 -14.23 3.81 22.36
N ALA A 165 -14.18 2.72 21.59
CA ALA A 165 -13.67 1.45 22.10
C ALA A 165 -12.16 1.31 21.99
N LEU A 166 -11.51 2.03 21.07
CA LEU A 166 -10.08 1.90 20.84
C LEU A 166 -9.35 3.15 21.29
N SER A 167 -8.02 3.05 21.34
CA SER A 167 -7.18 4.17 21.71
C SER A 167 -5.80 3.99 21.10
N GLY A 168 -4.97 5.03 21.23
CA GLY A 168 -3.58 4.95 20.85
C GLY A 168 -3.40 4.70 19.36
N HIS A 169 -2.27 4.06 19.03
CA HIS A 169 -1.94 3.82 17.63
C HIS A 169 -2.91 2.83 16.99
N LEU A 170 -3.45 1.88 17.76
CA LEU A 170 -4.40 0.94 17.18
C LEU A 170 -5.63 1.66 16.65
N GLU A 171 -6.13 2.66 17.40
CA GLU A 171 -7.26 3.44 16.91
C GLU A 171 -6.93 4.10 15.58
N THR A 172 -5.72 4.66 15.46
CA THR A 172 -5.31 5.30 14.22
C THR A 172 -5.34 4.31 13.06
N VAL A 173 -4.80 3.10 13.26
CA VAL A 173 -4.81 2.09 12.21
C VAL A 173 -6.24 1.75 11.80
N ILE A 174 -7.08 1.41 12.78
CA ILE A 174 -8.40 0.89 12.47
C ILE A 174 -9.27 1.95 11.80
N LEU A 175 -9.24 3.18 12.32
CA LEU A 175 -10.03 4.23 11.69
C LEU A 175 -9.53 4.52 10.28
N GLY A 176 -8.23 4.43 10.04
CA GLY A 176 -7.72 4.59 8.70
C GLY A 176 -8.22 3.52 7.76
N LEU A 177 -8.27 2.27 8.22
CA LEU A 177 -8.69 1.15 7.38
C LEU A 177 -10.17 1.27 6.99
N LEU A 178 -10.98 1.94 7.79
CA LEU A 178 -12.40 2.06 7.50
C LEU A 178 -12.69 3.02 6.35
N LYS A 179 -11.80 3.97 6.08
CA LYS A 179 -11.99 4.91 5.00
C LYS A 179 -11.66 4.26 3.66
N THR A 180 -12.35 4.69 2.61
CA THR A 180 -11.95 4.28 1.27
C THR A 180 -10.56 4.82 0.98
N PRO A 181 -9.85 4.24 0.00
CA PRO A 181 -8.52 4.77 -0.33
C PRO A 181 -8.50 6.27 -0.61
N ALA A 182 -9.48 6.76 -1.37
CA ALA A 182 -9.51 8.20 -1.66
C ALA A 182 -9.85 9.01 -0.41
N GLN A 183 -10.77 8.50 0.42
CA GLN A 183 -11.11 9.22 1.66
C GLN A 183 -9.92 9.29 2.60
N TYR A 184 -9.14 8.21 2.68
CA TYR A 184 -7.99 8.20 3.58
C TYR A 184 -6.93 9.20 3.12
N ASP A 185 -6.62 9.17 1.82
CA ASP A 185 -5.65 10.13 1.29
C ASP A 185 -6.13 11.56 1.44
N ALA A 186 -7.41 11.82 1.12
CA ALA A 186 -7.94 13.17 1.26
C ALA A 186 -7.85 13.65 2.70
N SER A 187 -8.19 12.80 3.67
CA SER A 187 -8.14 13.21 5.06
C SER A 187 -6.70 13.39 5.55
N GLU A 188 -5.78 12.58 5.03
CA GLU A 188 -4.37 12.75 5.39
C GLU A 188 -3.80 14.04 4.79
N LEU A 189 -4.24 14.39 3.57
CA LEU A 189 -3.82 15.65 2.98
C LEU A 189 -4.38 16.84 3.76
N LYS A 190 -5.65 16.76 4.14
N LYS A 190 -5.65 16.76 4.15
CA LYS A 190 -6.25 17.81 4.96
CA LYS A 190 -6.24 17.84 4.96
C LYS A 190 -5.50 17.97 6.27
C LYS A 190 -5.51 17.99 6.28
N ALA A 191 -5.16 16.86 6.92
CA ALA A 191 -4.44 16.93 8.20
C ALA A 191 -3.05 17.53 8.02
N SER A 192 -2.40 17.27 6.89
N SER A 192 -2.45 17.33 6.85
CA SER A 192 -1.06 17.83 6.67
CA SER A 192 -1.06 17.82 6.62
C SER A 192 -1.11 19.33 6.44
C SER A 192 -1.08 19.33 6.38
N MET A 193 -2.17 19.82 5.80
CA MET A 193 -2.28 21.26 5.54
C MET A 193 -2.88 22.01 6.72
N LYS A 194 -3.43 21.32 7.72
CA LYS A 194 -3.84 21.99 8.94
C LYS A 194 -2.66 22.52 9.74
N GLY A 195 -1.50 21.88 9.61
CA GLY A 195 -0.30 22.40 10.26
C GLY A 195 0.30 23.57 9.53
N LEU A 196 0.13 23.63 8.22
CA LEU A 196 0.63 24.71 7.37
C LEU A 196 2.13 24.93 7.58
N GLY A 197 2.90 23.94 7.11
CA GLY A 197 4.34 23.98 7.18
C GLY A 197 4.99 22.97 8.10
N THR A 198 4.22 22.19 8.86
CA THR A 198 4.79 21.23 9.78
C THR A 198 4.89 19.82 9.23
N ASP A 199 4.06 19.48 8.23
CA ASP A 199 4.02 18.12 7.70
C ASP A 199 3.94 18.13 6.18
N GLU A 200 4.92 18.78 5.55
N GLU A 200 4.92 18.79 5.55
CA GLU A 200 5.03 18.70 4.10
CA GLU A 200 5.03 18.69 4.10
C GLU A 200 5.43 17.30 3.65
C GLU A 200 5.41 17.29 3.65
N ASP A 201 6.02 16.49 4.52
CA ASP A 201 6.42 15.14 4.15
C ASP A 201 5.22 14.29 3.76
N SER A 202 4.10 14.43 4.47
CA SER A 202 2.90 13.67 4.13
C SER A 202 2.28 14.16 2.82
N LEU A 203 2.19 15.47 2.65
CA LEU A 203 1.76 16.04 1.38
C LEU A 203 2.65 15.55 0.24
N ILE A 204 3.97 15.59 0.45
CA ILE A 204 4.91 15.18 -0.59
C ILE A 204 4.76 13.69 -0.88
N GLU A 205 4.67 12.87 0.17
CA GLU A 205 4.55 11.42 -0.01
C GLU A 205 3.33 11.07 -0.86
N ILE A 206 2.18 11.65 -0.53
CA ILE A 206 0.95 11.27 -1.22
C ILE A 206 0.95 11.81 -2.65
N ILE A 207 1.22 13.11 -2.81
CA ILE A 207 1.12 13.70 -4.14
C ILE A 207 2.18 13.16 -5.09
N CYS A 208 3.35 12.78 -4.57
CA CYS A 208 4.41 12.27 -5.44
C CYS A 208 4.22 10.81 -5.82
N SER A 209 3.49 10.03 -5.02
N SER A 209 3.49 10.05 -5.01
CA SER A 209 3.40 8.59 -5.23
CA SER A 209 3.39 8.58 -5.24
C SER A 209 2.10 8.12 -5.85
C SER A 209 2.11 8.16 -5.94
N ARG A 210 1.05 8.95 -5.86
CA ARG A 210 -0.24 8.53 -6.39
C ARG A 210 -0.29 8.68 -7.90
N THR A 211 -1.02 7.78 -8.54
CA THR A 211 -1.16 7.78 -10.00
C THR A 211 -2.23 8.76 -10.45
N ASN A 212 -2.35 8.92 -11.78
CA ASN A 212 -3.39 9.77 -12.34
C ASN A 212 -4.76 9.41 -11.82
N GLN A 213 -5.12 8.13 -11.90
CA GLN A 213 -6.45 7.70 -11.48
C GLN A 213 -6.64 7.91 -9.98
N GLU A 214 -5.61 7.61 -9.19
CA GLU A 214 -5.73 7.82 -7.75
C GLU A 214 -5.90 9.30 -7.42
N LEU A 215 -5.13 10.17 -8.07
CA LEU A 215 -5.25 11.60 -7.81
C LEU A 215 -6.59 12.15 -8.30
N GLN A 216 -7.12 11.63 -9.41
CA GLN A 216 -8.43 12.06 -9.86
C GLN A 216 -9.49 11.79 -8.79
N GLU A 217 -9.46 10.60 -8.20
CA GLU A 217 -10.44 10.27 -7.17
C GLU A 217 -10.19 11.06 -5.90
N ILE A 218 -8.93 11.29 -5.55
CA ILE A 218 -8.63 12.11 -4.38
C ILE A 218 -9.19 13.51 -4.54
N ASN A 219 -8.97 14.12 -5.71
CA ASN A 219 -9.49 15.46 -5.95
C ASN A 219 -11.01 15.50 -5.81
N ARG A 220 -11.70 14.50 -6.37
CA ARG A 220 -13.17 14.48 -6.28
C ARG A 220 -13.64 14.31 -4.85
N VAL A 221 -13.03 13.37 -4.11
CA VAL A 221 -13.49 13.06 -2.77
C VAL A 221 -13.13 14.19 -1.81
N TYR A 222 -11.97 14.81 -2.00
CA TYR A 222 -11.59 15.96 -1.18
C TYR A 222 -12.63 17.06 -1.28
N LYS A 223 -13.11 17.35 -2.50
CA LYS A 223 -14.13 18.37 -2.66
C LYS A 223 -15.45 17.94 -2.04
N GLU A 224 -15.79 16.67 -2.15
CA GLU A 224 -17.02 16.18 -1.52
C GLU A 224 -16.94 16.24 -0.01
N MET A 225 -15.78 15.93 0.56
CA MET A 225 -15.63 15.89 2.01
C MET A 225 -15.53 17.27 2.62
N TYR A 226 -14.87 18.22 1.94
CA TYR A 226 -14.54 19.50 2.55
C TYR A 226 -15.08 20.71 1.81
N LYS A 227 -15.78 20.53 0.69
CA LYS A 227 -16.37 21.63 -0.07
C LYS A 227 -15.31 22.65 -0.50
N THR A 228 -14.09 22.17 -0.72
N THR A 228 -14.06 22.18 -0.59
CA THR A 228 -12.98 23.01 -1.16
CA THR A 228 -12.97 23.05 -1.11
C THR A 228 -12.16 22.23 -2.18
C THR A 228 -12.18 22.26 -2.16
N ASP A 229 -11.64 22.94 -3.19
N ASP A 229 -11.63 22.97 -3.15
CA ASP A 229 -10.78 22.32 -4.17
CA ASP A 229 -10.79 22.32 -4.19
C ASP A 229 -9.43 22.00 -3.55
C ASP A 229 -9.42 22.01 -3.58
N LEU A 230 -8.94 20.78 -3.78
CA LEU A 230 -7.65 20.38 -3.25
C LEU A 230 -6.54 21.29 -3.76
N GLU A 231 -6.59 21.66 -5.05
CA GLU A 231 -5.57 22.53 -5.61
C GLU A 231 -5.51 23.87 -4.87
N LYS A 232 -6.67 24.41 -4.48
CA LYS A 232 -6.67 25.69 -3.78
C LYS A 232 -6.03 25.57 -2.40
N ASP A 233 -6.25 24.45 -1.71
CA ASP A 233 -5.60 24.27 -0.41
C ASP A 233 -4.11 24.03 -0.55
N ILE A 234 -3.69 23.33 -1.62
CA ILE A 234 -2.26 23.16 -1.88
C ILE A 234 -1.60 24.51 -2.13
N ILE A 235 -2.25 25.36 -2.92
CA ILE A 235 -1.71 26.70 -3.19
C ILE A 235 -1.59 27.50 -1.89
N SER A 236 -2.58 27.38 -1.01
N SER A 236 -2.58 27.38 -1.01
CA SER A 236 -2.52 28.11 0.25
CA SER A 236 -2.52 28.11 0.25
C SER A 236 -1.51 27.51 1.23
C SER A 236 -1.55 27.49 1.24
N ASP A 237 -1.06 26.28 0.98
CA ASP A 237 -0.15 25.58 1.88
C ASP A 237 1.30 25.58 1.40
N THR A 238 1.56 26.03 0.18
CA THR A 238 2.87 25.92 -0.45
C THR A 238 3.24 27.25 -1.09
N SER A 239 4.53 27.39 -1.43
CA SER A 239 5.02 28.64 -2.00
C SER A 239 6.14 28.34 -2.99
N GLY A 240 6.48 29.34 -3.79
CA GLY A 240 7.58 29.27 -4.74
C GLY A 240 7.45 28.15 -5.75
N ASP A 241 8.60 27.65 -6.21
CA ASP A 241 8.60 26.55 -7.16
C ASP A 241 8.09 25.26 -6.54
N PHE A 242 8.20 25.12 -5.22
CA PHE A 242 7.59 23.97 -4.53
C PHE A 242 6.09 23.94 -4.78
N ARG A 243 5.42 25.09 -4.68
CA ARG A 243 4.01 25.18 -5.01
C ARG A 243 3.75 24.75 -6.45
N LYS A 244 4.56 25.26 -7.39
CA LYS A 244 4.36 24.92 -8.79
C LYS A 244 4.47 23.42 -9.03
N LEU A 245 5.46 22.78 -8.40
CA LEU A 245 5.64 21.34 -8.58
C LEU A 245 4.47 20.56 -8.01
N MET A 246 4.04 20.88 -6.79
CA MET A 246 2.96 20.13 -6.14
CA MET A 246 2.98 20.10 -6.17
C MET A 246 1.64 20.31 -6.87
N VAL A 247 1.36 21.54 -7.33
CA VAL A 247 0.13 21.80 -8.06
C VAL A 247 0.10 21.02 -9.37
N ALA A 248 1.23 21.01 -10.08
CA ALA A 248 1.31 20.25 -11.33
C ALA A 248 1.08 18.76 -11.10
N LEU A 249 1.76 18.19 -10.10
CA LEU A 249 1.60 16.77 -9.81
C LEU A 249 0.18 16.43 -9.41
N ALA A 250 -0.44 17.28 -8.58
CA ALA A 250 -1.76 16.97 -8.04
C ALA A 250 -2.85 16.92 -9.10
N LYS A 251 -2.62 17.55 -10.26
N LYS A 251 -2.62 17.55 -10.26
CA LYS A 251 -3.61 17.51 -11.33
CA LYS A 251 -3.62 17.51 -11.33
C LYS A 251 -3.79 16.10 -11.89
C LYS A 251 -3.80 16.11 -11.90
N GLY A 252 -2.80 15.23 -11.74
CA GLY A 252 -2.90 13.86 -12.25
C GLY A 252 -3.17 13.80 -13.74
N ARG A 253 -2.37 14.55 -14.51
CA ARG A 253 -2.51 14.59 -15.96
C ARG A 253 -1.22 14.16 -16.66
N ARG A 254 -0.45 13.30 -15.98
CA ARG A 254 0.74 12.74 -16.59
C ARG A 254 0.37 11.93 -17.82
N ALA A 255 1.23 12.01 -18.84
CA ALA A 255 1.05 11.17 -20.01
C ALA A 255 1.08 9.70 -19.59
N GLU A 256 0.22 8.89 -20.19
CA GLU A 256 0.29 7.45 -20.02
C GLU A 256 1.10 6.86 -21.16
N ASP A 257 1.97 5.91 -20.84
CA ASP A 257 2.87 5.37 -21.86
C ASP A 257 2.10 4.42 -22.75
N GLY A 258 2.17 4.69 -24.06
CA GLY A 258 1.47 3.87 -25.03
C GLY A 258 2.22 2.58 -25.33
N SER A 259 2.43 2.32 -26.62
CA SER A 259 3.05 1.08 -27.07
C SER A 259 4.42 1.29 -27.69
N VAL A 260 4.88 2.53 -27.82
CA VAL A 260 6.14 2.82 -28.50
C VAL A 260 7.07 3.53 -27.54
N ILE A 261 8.32 3.06 -27.47
CA ILE A 261 9.37 3.73 -26.71
C ILE A 261 9.98 4.80 -27.60
N ASP A 262 9.95 6.06 -27.14
CA ASP A 262 10.42 7.19 -27.95
C ASP A 262 11.88 7.47 -27.58
N TYR A 263 12.79 6.72 -28.21
CA TYR A 263 14.20 6.81 -27.85
C TYR A 263 14.78 8.20 -28.14
N GLU A 264 14.32 8.86 -29.20
CA GLU A 264 14.81 10.19 -29.49
C GLU A 264 14.41 11.18 -28.41
N LEU A 265 13.16 11.08 -27.93
CA LEU A 265 12.71 11.97 -26.86
C LEU A 265 13.37 11.63 -25.53
N ILE A 266 13.68 10.35 -25.30
CA ILE A 266 14.40 9.96 -24.09
C ILE A 266 15.74 10.66 -24.02
N ASP A 267 16.48 10.67 -25.13
CA ASP A 267 17.78 11.34 -25.16
C ASP A 267 17.63 12.85 -25.03
N GLN A 268 16.62 13.43 -25.68
N GLN A 268 16.64 13.43 -25.71
CA GLN A 268 16.46 14.88 -25.61
CA GLN A 268 16.41 14.87 -25.63
C GLN A 268 16.04 15.33 -24.21
C GLN A 268 16.08 15.30 -24.21
N ASP A 269 15.17 14.57 -23.56
CA ASP A 269 14.79 14.90 -22.19
C ASP A 269 15.98 14.79 -21.24
N ALA A 270 16.81 13.77 -21.44
CA ALA A 270 17.98 13.61 -20.59
C ALA A 270 18.94 14.78 -20.75
N ARG A 271 19.20 15.19 -22.00
CA ARG A 271 20.05 16.36 -22.23
C ARG A 271 19.43 17.62 -21.66
N ASP A 272 18.11 17.78 -21.79
CA ASP A 272 17.46 18.97 -21.27
C ASP A 272 17.58 19.03 -19.75
N LEU A 273 17.42 17.90 -19.08
CA LEU A 273 17.56 17.88 -17.63
C LEU A 273 18.99 18.23 -17.21
N TYR A 274 19.97 17.76 -17.98
CA TYR A 274 21.37 18.09 -17.69
C TYR A 274 21.67 19.54 -17.98
N ASP A 275 21.25 20.04 -19.15
CA ASP A 275 21.50 21.43 -19.51
C ASP A 275 20.83 22.40 -18.55
N ALA A 276 19.72 22.00 -17.94
CA ALA A 276 18.97 22.87 -17.05
C ALA A 276 19.49 22.85 -15.61
N GLY A 277 20.41 21.95 -15.28
CA GLY A 277 20.87 21.84 -13.92
C GLY A 277 22.39 21.79 -13.78
N VAL A 278 22.95 20.59 -13.76
CA VAL A 278 24.36 20.41 -13.42
C VAL A 278 25.27 21.13 -14.40
N LYS A 279 24.86 21.26 -15.66
CA LYS A 279 25.73 21.85 -16.67
C LYS A 279 25.87 23.37 -16.53
N ARG A 280 24.93 24.04 -15.87
CA ARG A 280 24.86 25.48 -15.88
C ARG A 280 24.87 26.06 -14.46
N LYS A 281 25.23 27.34 -14.37
CA LYS A 281 25.04 28.07 -13.13
C LYS A 281 23.55 28.21 -12.84
N GLY A 282 23.18 27.98 -11.58
CA GLY A 282 21.79 27.98 -11.21
C GLY A 282 21.05 26.77 -11.78
N THR A 283 19.72 26.88 -11.77
CA THR A 283 18.87 25.80 -12.24
C THR A 283 17.66 26.37 -12.97
N ASP A 284 17.31 25.76 -14.10
CA ASP A 284 16.05 26.04 -14.80
C ASP A 284 14.99 25.11 -14.22
N VAL A 285 14.42 25.54 -13.09
CA VAL A 285 13.45 24.68 -12.39
C VAL A 285 12.20 24.41 -13.21
N PRO A 286 11.61 25.37 -13.93
CA PRO A 286 10.42 25.03 -14.74
C PRO A 286 10.67 23.92 -15.75
N LYS A 287 11.89 23.81 -16.29
CA LYS A 287 12.19 22.72 -17.21
C LYS A 287 12.15 21.37 -16.49
N TRP A 288 12.78 21.30 -15.32
CA TRP A 288 12.70 20.09 -14.50
C TRP A 288 11.26 19.74 -14.17
N ILE A 289 10.45 20.74 -13.81
CA ILE A 289 9.07 20.48 -13.44
C ILE A 289 8.29 19.92 -14.62
N SER A 290 8.45 20.56 -15.79
CA SER A 290 7.69 20.13 -16.97
C SER A 290 8.01 18.69 -17.34
N ILE A 291 9.29 18.35 -17.43
CA ILE A 291 9.68 17.01 -17.86
C ILE A 291 9.25 15.97 -16.84
N MET A 292 9.49 16.24 -15.55
CA MET A 292 9.25 15.23 -14.53
C MET A 292 7.79 15.08 -14.14
N THR A 293 6.92 16.03 -14.50
CA THR A 293 5.50 15.87 -14.23
C THR A 293 4.70 15.41 -15.44
N GLU A 294 5.17 15.68 -16.65
CA GLU A 294 4.36 15.46 -17.84
C GLU A 294 4.67 14.16 -18.57
N ARG A 295 5.92 13.69 -18.56
CA ARG A 295 6.26 12.47 -19.28
C ARG A 295 5.78 11.24 -18.52
N SER A 296 5.51 10.17 -19.25
CA SER A 296 5.05 8.95 -18.62
C SER A 296 6.14 8.36 -17.72
N VAL A 297 5.71 7.54 -16.76
CA VAL A 297 6.66 6.94 -15.82
C VAL A 297 7.65 6.01 -16.53
N PRO A 298 7.24 5.10 -17.41
CA PRO A 298 8.25 4.29 -18.11
C PRO A 298 9.21 5.12 -18.93
N HIS A 299 8.73 6.20 -19.56
CA HIS A 299 9.62 7.09 -20.30
C HIS A 299 10.66 7.71 -19.38
N LEU A 300 10.24 8.23 -18.22
CA LEU A 300 11.16 8.90 -17.32
C LEU A 300 12.15 7.93 -16.69
N GLN A 301 11.75 6.68 -16.46
CA GLN A 301 12.71 5.68 -16.00
C GLN A 301 13.88 5.56 -16.97
N LYS A 302 13.58 5.54 -18.27
CA LYS A 302 14.64 5.47 -19.27
C LYS A 302 15.36 6.81 -19.40
N VAL A 303 14.66 7.93 -19.20
CA VAL A 303 15.31 9.23 -19.22
C VAL A 303 16.38 9.31 -18.12
N PHE A 304 16.03 8.87 -16.91
CA PHE A 304 16.96 8.97 -15.79
C PHE A 304 18.20 8.10 -16.01
N ASP A 305 17.99 6.94 -16.64
CA ASP A 305 19.22 6.14 -17.00
CA ASP A 305 19.19 6.14 -17.05
C ASP A 305 20.14 6.77 -18.15
N ARG A 306 19.42 7.35 -19.11
CA ARG A 306 20.16 8.04 -20.17
C ARG A 306 20.84 9.28 -19.63
N TYR A 307 20.22 9.93 -18.63
CA TYR A 307 20.82 11.09 -17.98
C TYR A 307 22.20 10.77 -17.41
N LYS A 308 22.37 9.56 -16.87
CA LYS A 308 23.66 9.16 -16.33
C LYS A 308 24.75 9.08 -17.40
N SER A 309 24.37 9.01 -18.68
CA SER A 309 25.36 9.03 -19.75
C SER A 309 25.98 10.41 -19.91
N TYR A 310 25.22 11.46 -19.60
CA TYR A 310 25.66 12.84 -19.80
C TYR A 310 26.24 13.48 -18.55
N SER A 311 25.74 13.10 -17.38
CA SER A 311 26.06 13.75 -16.12
C SER A 311 26.96 12.86 -15.26
N PRO A 312 27.95 13.45 -14.58
CA PRO A 312 28.75 12.65 -13.64
C PRO A 312 27.96 12.21 -12.41
N TYR A 313 26.80 12.82 -12.16
CA TYR A 313 25.96 12.50 -11.01
C TYR A 313 24.60 12.04 -11.50
N ASP A 314 24.02 11.04 -10.83
CA ASP A 314 22.70 10.57 -11.23
C ASP A 314 21.66 11.61 -10.84
N MET A 315 20.40 11.31 -11.16
CA MET A 315 19.34 12.31 -10.99
C MET A 315 19.18 12.71 -9.53
N LEU A 316 19.20 11.74 -8.62
CA LEU A 316 19.02 12.05 -7.20
C LEU A 316 20.16 12.92 -6.67
N GLU A 317 21.41 12.55 -7.00
CA GLU A 317 22.53 13.38 -6.57
C GLU A 317 22.50 14.76 -7.21
N SER A 318 22.06 14.84 -8.46
CA SER A 318 21.95 16.14 -9.12
C SER A 318 20.95 17.04 -8.40
N ILE A 319 19.82 16.46 -7.96
CA ILE A 319 18.84 17.24 -7.22
C ILE A 319 19.46 17.79 -5.94
N ARG A 320 20.21 16.94 -5.22
CA ARG A 320 20.81 17.40 -3.96
C ARG A 320 21.85 18.49 -4.20
N LYS A 321 22.47 18.53 -5.38
CA LYS A 321 23.45 19.56 -5.69
C LYS A 321 22.82 20.85 -6.17
N GLU A 322 21.63 20.79 -6.77
CA GLU A 322 21.04 21.93 -7.45
C GLU A 322 20.04 22.71 -6.61
N VAL A 323 19.21 22.03 -5.82
CA VAL A 323 18.10 22.67 -5.11
C VAL A 323 18.13 22.29 -3.64
N LYS A 324 17.32 23.00 -2.85
CA LYS A 324 17.31 22.87 -1.40
C LYS A 324 15.87 22.89 -0.91
N GLY A 325 15.70 22.63 0.40
CA GLY A 325 14.44 22.85 1.07
C GLY A 325 13.34 21.89 0.63
N ASP A 326 12.10 22.39 0.71
CA ASP A 326 10.94 21.59 0.34
C ASP A 326 11.01 21.16 -1.12
N LEU A 327 11.49 22.05 -1.99
CA LEU A 327 11.60 21.73 -3.40
C LEU A 327 12.52 20.54 -3.62
N GLU A 328 13.68 20.53 -2.94
CA GLU A 328 14.60 19.40 -3.05
C GLU A 328 13.95 18.13 -2.53
N ASN A 329 13.29 18.20 -1.37
CA ASN A 329 12.62 17.04 -0.82
C ASN A 329 11.59 16.49 -1.81
N ALA A 330 10.78 17.38 -2.39
CA ALA A 330 9.75 16.96 -3.34
C ALA A 330 10.37 16.26 -4.55
N PHE A 331 11.43 16.84 -5.13
CA PHE A 331 12.06 16.22 -6.29
C PHE A 331 12.66 14.86 -5.94
N LEU A 332 13.30 14.74 -4.78
CA LEU A 332 13.89 13.46 -4.39
C LEU A 332 12.84 12.39 -4.22
N ASN A 333 11.71 12.73 -3.58
CA ASN A 333 10.62 11.77 -3.43
C ASN A 333 10.05 11.38 -4.79
N LEU A 334 9.83 12.37 -5.65
CA LEU A 334 9.25 12.10 -6.96
C LEU A 334 10.13 11.17 -7.78
N VAL A 335 11.44 11.43 -7.82
CA VAL A 335 12.32 10.61 -8.64
C VAL A 335 12.38 9.18 -8.11
N GLN A 336 12.39 9.02 -6.78
CA GLN A 336 12.32 7.67 -6.22
C GLN A 336 11.02 6.97 -6.63
N CYS A 337 9.89 7.69 -6.57
CA CYS A 337 8.61 7.09 -6.94
C CYS A 337 8.59 6.68 -8.41
N ILE A 338 9.26 7.46 -9.28
CA ILE A 338 9.33 7.09 -10.69
C ILE A 338 10.27 5.90 -10.89
N GLN A 339 11.43 5.94 -10.25
CA GLN A 339 12.45 4.91 -10.48
C GLN A 339 12.01 3.56 -9.95
N ASN A 340 11.53 3.53 -8.70
CA ASN A 340 11.12 2.27 -8.05
C ASN A 340 10.22 2.60 -6.88
N LYS A 341 8.91 2.62 -7.10
CA LYS A 341 7.98 3.03 -6.06
C LYS A 341 7.94 2.03 -4.90
N PRO A 342 7.93 0.71 -5.13
CA PRO A 342 8.00 -0.20 -3.98
C PRO A 342 9.25 -0.04 -3.13
N LEU A 343 10.40 0.22 -3.77
CA LEU A 343 11.61 0.50 -3.00
C LEU A 343 11.49 1.82 -2.25
N TYR A 344 10.83 2.82 -2.85
CA TYR A 344 10.58 4.08 -2.16
C TYR A 344 9.86 3.84 -0.84
N PHE A 345 8.78 3.06 -0.87
CA PHE A 345 8.04 2.81 0.35
C PHE A 345 8.81 1.91 1.31
N ALA A 346 9.60 0.97 0.78
CA ALA A 346 10.43 0.14 1.65
C ALA A 346 11.43 0.99 2.43
N ASP A 347 12.08 1.93 1.74
CA ASP A 347 13.04 2.81 2.42
C ASP A 347 12.35 3.70 3.45
N ARG A 348 11.16 4.21 3.12
CA ARG A 348 10.42 5.03 4.08
C ARG A 348 10.01 4.22 5.29
N LEU A 349 9.62 2.97 5.09
CA LEU A 349 9.27 2.11 6.21
C LEU A 349 10.49 1.82 7.07
N TYR A 350 11.62 1.49 6.44
CA TYR A 350 12.87 1.31 7.19
C TYR A 350 13.20 2.57 7.98
N ASP A 351 13.11 3.74 7.35
CA ASP A 351 13.41 4.99 8.04
C ASP A 351 12.48 5.21 9.23
N SER A 352 11.22 4.78 9.12
CA SER A 352 10.27 5.03 10.20
C SER A 352 10.52 4.16 11.42
N MET A 353 11.32 3.11 11.30
CA MET A 353 11.55 2.16 12.39
C MET A 353 13.00 1.99 12.79
N LYS A 354 13.96 2.41 11.95
CA LYS A 354 15.34 1.97 12.12
C LYS A 354 15.92 2.42 13.46
N GLY A 355 15.53 3.60 13.93
CA GLY A 355 16.18 4.16 15.10
C GLY A 355 15.37 4.15 16.37
N LYS A 356 15.67 5.08 17.27
CA LYS A 356 14.95 5.17 18.53
C LYS A 356 13.47 5.40 18.29
N GLY A 357 12.64 4.62 18.97
CA GLY A 357 11.20 4.78 18.82
C GLY A 357 10.75 4.47 17.40
N THR A 358 9.58 5.02 17.07
CA THR A 358 8.94 4.77 15.79
C THR A 358 8.29 6.04 15.29
N ARG A 359 8.41 6.31 13.99
CA ARG A 359 7.61 7.34 13.33
C ARG A 359 6.28 6.69 12.96
N ASP A 360 5.43 6.52 13.98
CA ASP A 360 4.21 5.74 13.82
C ASP A 360 3.30 6.33 12.74
N LYS A 361 3.24 7.66 12.66
CA LYS A 361 2.38 8.29 11.65
C LYS A 361 2.73 7.83 10.25
N VAL A 362 4.03 7.75 9.94
CA VAL A 362 4.47 7.31 8.62
C VAL A 362 4.23 5.81 8.45
N LEU A 363 4.60 5.02 9.46
CA LEU A 363 4.44 3.58 9.40
C LEU A 363 2.98 3.20 9.17
N ILE A 364 2.07 3.80 9.93
CA ILE A 364 0.65 3.51 9.81
C ILE A 364 0.14 3.89 8.43
N ARG A 365 0.48 5.10 7.98
CA ARG A 365 -0.04 5.60 6.71
C ARG A 365 0.38 4.69 5.55
N ILE A 366 1.64 4.24 5.54
CA ILE A 366 2.11 3.40 4.45
C ILE A 366 1.49 2.01 4.52
N MET A 367 1.42 1.43 5.72
CA MET A 367 0.86 0.09 5.84
C MET A 367 -0.62 0.08 5.48
N VAL A 368 -1.36 1.12 5.86
CA VAL A 368 -2.77 1.18 5.47
C VAL A 368 -2.90 1.41 3.97
N SER A 369 -2.22 2.44 3.45
CA SER A 369 -2.49 2.89 2.09
C SER A 369 -1.93 1.94 1.04
N ARG A 370 -0.88 1.17 1.37
CA ARG A 370 -0.29 0.28 0.37
C ARG A 370 -0.70 -1.18 0.57
N SER A 371 -1.53 -1.48 1.57
CA SER A 371 -1.88 -2.86 1.88
C SER A 371 -2.61 -3.55 0.74
N GLU A 372 -3.32 -2.80 -0.10
CA GLU A 372 -4.05 -3.37 -1.23
C GLU A 372 -3.53 -2.85 -2.56
N VAL A 373 -2.29 -2.37 -2.61
CA VAL A 373 -1.72 -1.88 -3.86
C VAL A 373 -0.49 -2.70 -4.23
N ASP A 374 0.61 -2.49 -3.51
CA ASP A 374 1.88 -3.12 -3.89
C ASP A 374 2.66 -3.61 -2.67
N MET A 375 1.95 -4.05 -1.62
CA MET A 375 2.62 -4.47 -0.39
C MET A 375 3.60 -5.61 -0.64
N LEU A 376 3.26 -6.53 -1.53
CA LEU A 376 4.16 -7.65 -1.80
C LEU A 376 5.43 -7.20 -2.49
N LYS A 377 5.32 -6.22 -3.40
CA LYS A 377 6.53 -5.67 -4.02
C LYS A 377 7.37 -4.90 -2.99
N ILE A 378 6.71 -4.14 -2.12
CA ILE A 378 7.41 -3.48 -1.01
C ILE A 378 8.16 -4.50 -0.17
N ARG A 379 7.49 -5.59 0.19
CA ARG A 379 8.12 -6.63 1.00
C ARG A 379 9.32 -7.23 0.29
N SER A 380 9.22 -7.44 -1.03
CA SER A 380 10.33 -8.02 -1.77
C SER A 380 11.54 -7.09 -1.77
N GLU A 381 11.33 -5.81 -2.10
CA GLU A 381 12.43 -4.85 -2.07
C GLU A 381 13.02 -4.73 -0.68
N PHE A 382 12.16 -4.71 0.35
CA PHE A 382 12.64 -4.57 1.72
C PHE A 382 13.55 -5.72 2.10
N LYS A 383 13.10 -6.95 1.88
CA LYS A 383 13.90 -8.12 2.26
C LYS A 383 15.20 -8.17 1.48
N ARG A 384 15.16 -7.89 0.18
N ARG A 384 15.15 -7.88 0.18
CA ARG A 384 16.37 -7.92 -0.64
CA ARG A 384 16.38 -7.93 -0.67
C ARG A 384 17.40 -6.90 -0.16
C ARG A 384 17.39 -6.89 -0.18
N LYS A 385 16.93 -5.72 0.27
CA LYS A 385 17.86 -4.67 0.65
C LYS A 385 18.33 -4.82 2.10
N TYR A 386 17.42 -5.05 3.03
CA TYR A 386 17.76 -5.00 4.44
C TYR A 386 18.04 -6.37 5.06
N GLY A 387 17.80 -7.46 4.33
CA GLY A 387 18.18 -8.79 4.78
C GLY A 387 17.16 -9.45 5.69
N LYS A 388 16.42 -8.66 6.46
N LYS A 388 16.42 -8.67 6.47
CA LYS A 388 15.30 -9.13 7.25
CA LYS A 388 15.30 -9.14 7.25
C LYS A 388 14.01 -8.63 6.63
C LYS A 388 14.00 -8.61 6.65
N SER A 389 12.90 -9.27 6.99
CA SER A 389 11.61 -8.93 6.40
C SER A 389 11.04 -7.64 6.98
N LEU A 390 10.11 -7.05 6.23
CA LEU A 390 9.30 -5.94 6.75
C LEU A 390 8.55 -6.38 8.01
N TYR A 391 7.98 -7.58 7.97
CA TYR A 391 7.32 -8.18 9.13
C TYR A 391 8.22 -8.15 10.36
N TYR A 392 9.48 -8.55 10.18
CA TYR A 392 10.42 -8.58 11.30
C TYR A 392 10.61 -7.19 11.91
N TYR A 393 10.79 -6.18 11.06
CA TYR A 393 11.01 -4.82 11.59
C TYR A 393 9.79 -4.31 12.33
N ILE A 394 8.59 -4.56 11.79
CA ILE A 394 7.37 -4.18 12.50
C ILE A 394 7.29 -4.90 13.85
N GLN A 395 7.63 -6.19 13.86
CA GLN A 395 7.58 -6.97 15.09
C GLN A 395 8.47 -6.38 16.17
N GLN A 396 9.65 -5.90 15.79
CA GLN A 396 10.60 -5.37 16.78
C GLN A 396 10.26 -3.95 17.22
N ASP A 397 9.53 -3.19 16.41
CA ASP A 397 9.28 -1.79 16.73
C ASP A 397 7.93 -1.52 17.37
N THR A 398 6.96 -2.43 17.22
CA THR A 398 5.62 -2.23 17.75
C THR A 398 5.24 -3.42 18.62
N LYS A 399 4.17 -3.26 19.41
CA LYS A 399 3.74 -4.28 20.34
C LYS A 399 2.21 -4.32 20.41
N GLY A 400 1.71 -5.41 20.99
CA GLY A 400 0.29 -5.53 21.30
C GLY A 400 -0.59 -5.71 20.07
N ASP A 401 -1.86 -5.32 20.24
CA ASP A 401 -2.82 -5.41 19.15
C ASP A 401 -2.48 -4.48 18.00
N TYR A 402 -1.81 -3.36 18.31
CA TYR A 402 -1.30 -2.47 17.27
C TYR A 402 -0.31 -3.20 16.37
N GLN A 403 0.64 -3.92 16.97
CA GLN A 403 1.57 -4.73 16.18
C GLN A 403 0.82 -5.74 15.32
N LYS A 404 -0.15 -6.45 15.91
CA LYS A 404 -0.87 -7.48 15.18
C LYS A 404 -1.58 -6.91 13.97
N ALA A 405 -2.20 -5.73 14.12
CA ALA A 405 -2.87 -5.10 12.98
C ALA A 405 -1.89 -4.82 11.85
N LEU A 406 -0.72 -4.27 12.18
CA LEU A 406 0.27 -3.97 11.15
C LEU A 406 0.78 -5.24 10.49
N LEU A 407 0.95 -6.32 11.26
CA LEU A 407 1.44 -7.57 10.67
C LEU A 407 0.42 -8.17 9.73
N TYR A 408 -0.87 -8.04 10.04
CA TYR A 408 -1.91 -8.50 9.11
C TYR A 408 -1.88 -7.70 7.82
N LEU A 409 -1.70 -6.37 7.91
CA LEU A 409 -1.63 -5.54 6.72
C LEU A 409 -0.41 -5.89 5.88
N CYS A 410 0.67 -6.33 6.54
CA CYS A 410 1.86 -6.78 5.82
C CYS A 410 1.53 -8.00 4.97
N GLY A 411 0.65 -8.87 5.46
CA GLY A 411 0.20 -10.02 4.72
C GLY A 411 1.00 -11.28 4.95
N GLY A 412 2.07 -11.21 5.71
CA GLY A 412 2.89 -12.37 5.98
C GLY A 412 4.34 -11.98 6.19
N ASP A 413 5.14 -12.98 6.51
CA ASP A 413 6.57 -12.84 6.76
C ASP A 413 7.35 -13.28 5.53
N ASP A 414 8.61 -12.86 5.45
CA ASP A 414 9.47 -13.26 4.34
C ASP A 414 10.78 -13.83 4.85
CA CA B . -9.18 -5.37 25.77
CA CA C . -10.52 6.64 21.53
CA CA D . 23.42 24.20 -11.78
CA CA E . 12.66 1.81 16.20
C1 GOL F . 3.57 -16.18 5.03
C1 GOL F . 3.58 -16.10 5.03
O1 GOL F . 4.40 -15.85 6.10
O1 GOL F . 4.51 -15.84 6.04
C2 GOL F . 4.26 -15.64 3.76
C2 GOL F . 4.27 -15.82 3.68
O2 GOL F . 4.18 -14.26 3.66
O2 GOL F . 5.52 -16.39 3.61
C3 GOL F . 3.59 -16.36 2.59
C3 GOL F . 3.31 -16.37 2.61
O3 GOL F . 4.24 -15.92 1.44
O3 GOL F . 2.11 -15.68 2.76
C1 GOL G . 4.78 8.55 -9.68
O1 GOL G . 4.45 8.18 -8.39
C2 GOL G . 3.59 9.38 -10.15
O2 GOL G . 3.98 10.62 -10.62
C3 GOL G . 2.88 8.48 -11.18
O3 GOL G . 2.06 9.27 -11.97
C1 GOL H . -2.54 4.78 -3.01
O1 GOL H . -1.96 3.92 -2.08
C2 GOL H . -4.06 4.60 -2.92
O2 GOL H . -4.49 4.41 -1.60
C3 GOL H . -4.64 5.88 -3.61
O3 GOL H . -5.68 6.39 -2.84
#